data_2ZK9
#
_entry.id   2ZK9
#
_cell.length_a   62.306
_cell.length_b   62.306
_cell.length_c   185.532
_cell.angle_alpha   90.00
_cell.angle_beta   90.00
_cell.angle_gamma   120.00
#
_symmetry.space_group_name_H-M   'P 65 2 2'
#
loop_
_entity.id
_entity.type
_entity.pdbx_description
1 polymer Protein-glutaminase
2 non-polymer 'SODIUM ION'
3 non-polymer GLYCEROL
4 water water
#
_entity_poly.entity_id   1
_entity_poly.type   'polypeptide(L)'
_entity_poly.pdbx_seq_one_letter_code
;LASVIPDVATLNSLFNQIKNESCGTSTASSPCITFRYPVDGCYARAHKMRQILMNNGYDCEKQFVYGNLKASTGTCCVAW
SYHVAILVSYKNASGVTEKRIIDPSLFSSGPVTDTAWRNACVNTSCGSASVSSYANTAGNVYYRSPSNSYLYDNNLINTN
CVLTKFSLLSGCSPSPAPDVSSCGF
;
_entity_poly.pdbx_strand_id   X
#
loop_
_chem_comp.id
_chem_comp.type
_chem_comp.name
_chem_comp.formula
GOL non-polymer GLYCEROL 'C3 H8 O3'
NA non-polymer 'SODIUM ION' 'Na 1'
#
# COMPACT_ATOMS: atom_id res chain seq x y z
N LEU A 1 5.84 18.29 9.92
CA LEU A 1 5.86 17.05 9.18
C LEU A 1 7.26 16.41 9.28
N ALA A 2 7.34 15.17 9.77
CA ALA A 2 8.61 14.49 10.01
C ALA A 2 8.78 13.25 9.15
N SER A 3 9.91 13.09 8.49
CA SER A 3 10.18 11.96 7.62
CA SER A 3 10.10 11.93 7.61
C SER A 3 10.65 10.71 8.37
N VAL A 4 11.06 10.89 9.62
CA VAL A 4 11.56 9.77 10.40
C VAL A 4 10.73 9.63 11.65
N ILE A 5 10.16 8.46 11.85
CA ILE A 5 9.35 8.10 13.02
CA ILE A 5 9.35 8.13 13.03
C ILE A 5 10.29 7.92 14.20
N PRO A 6 9.94 8.41 15.40
CA PRO A 6 10.93 8.49 16.47
C PRO A 6 11.35 7.18 17.14
N ASP A 7 10.54 6.12 17.08
CA ASP A 7 10.83 4.89 17.80
CA ASP A 7 10.85 4.89 17.79
C ASP A 7 9.95 3.79 17.25
N VAL A 8 10.30 2.57 17.63
CA VAL A 8 9.52 1.43 17.16
CA VAL A 8 9.57 1.37 17.28
C VAL A 8 8.15 1.38 17.81
C VAL A 8 8.18 1.29 17.86
N ALA A 9 7.98 1.87 19.02
CA ALA A 9 6.65 1.90 19.60
C ALA A 9 5.74 2.74 18.70
N THR A 10 6.23 3.82 18.18
CA THR A 10 5.44 4.68 17.29
C THR A 10 5.22 3.98 15.96
N LEU A 11 6.24 3.33 15.39
CA LEU A 11 6.04 2.55 14.18
C LEU A 11 4.95 1.53 14.39
N ASN A 12 4.92 0.84 15.50
CA ASN A 12 3.89 -0.19 15.75
C ASN A 12 2.52 0.41 15.90
N SER A 13 2.43 1.54 16.57
CA SER A 13 1.17 2.25 16.68
C SER A 13 0.64 2.60 15.29
N LEU A 14 1.57 3.07 14.48
N LEU A 14 1.52 3.15 14.45
CA LEU A 14 1.34 3.50 13.11
CA LEU A 14 1.08 3.54 13.11
C LEU A 14 0.73 2.34 12.31
C LEU A 14 0.63 2.29 12.31
N PHE A 15 1.35 1.18 12.43
CA PHE A 15 0.92 -0.06 11.78
C PHE A 15 -0.50 -0.44 12.24
N ASN A 16 -0.72 -0.41 13.55
CA ASN A 16 -2.04 -0.74 14.06
C ASN A 16 -3.11 0.19 13.56
N GLN A 17 -2.80 1.49 13.51
CA GLN A 17 -3.76 2.47 12.98
CA GLN A 17 -3.76 2.46 12.99
C GLN A 17 -4.13 2.14 11.55
N ILE A 18 -3.16 1.78 10.75
CA ILE A 18 -3.43 1.38 9.35
C ILE A 18 -4.25 0.13 9.31
N LYS A 19 -3.88 -0.89 10.09
CA LYS A 19 -4.60 -2.15 10.05
C LYS A 19 -6.05 -1.96 10.48
N ASN A 20 -6.26 -1.06 11.42
CA ASN A 20 -7.62 -0.76 11.91
C ASN A 20 -8.52 -0.18 10.84
N GLU A 21 -7.99 0.35 9.75
CA GLU A 21 -8.78 0.87 8.66
C GLU A 21 -9.04 -0.13 7.55
N SER A 22 -8.66 -1.40 7.77
CA SER A 22 -8.85 -2.42 6.75
C SER A 22 -10.33 -2.70 6.50
N CYS A 23 -10.67 -2.88 5.23
CA CYS A 23 -11.99 -3.36 4.90
C CYS A 23 -12.18 -4.76 5.52
N GLY A 24 -13.34 -5.05 6.05
N GLY A 24 -13.39 -4.97 5.99
CA GLY A 24 -13.56 -6.33 6.74
CA GLY A 24 -13.85 -6.14 6.72
C GLY A 24 -13.50 -6.14 8.25
C GLY A 24 -13.87 -5.93 8.22
N THR A 25 -13.13 -4.95 8.73
CA THR A 25 -13.11 -4.71 10.14
C THR A 25 -14.23 -3.75 10.53
N SER A 26 -14.64 -4.01 11.77
CA SER A 26 -15.61 -3.22 12.50
CA SER A 26 -15.68 -3.08 12.22
C SER A 26 -14.99 -1.86 12.82
N THR A 27 -13.64 -1.79 12.84
N THR A 27 -13.66 -1.71 12.78
CA THR A 27 -12.99 -0.59 13.34
CA THR A 27 -13.16 -0.40 13.23
C THR A 27 -12.85 0.48 12.25
C THR A 27 -13.42 0.69 12.19
N ALA A 28 -13.15 0.22 10.98
CA ALA A 28 -12.73 1.15 9.93
C ALA A 28 -13.70 2.25 9.65
N SER A 29 -13.14 3.40 9.33
CA SER A 29 -13.86 4.55 8.84
CA SER A 29 -13.79 4.58 8.82
C SER A 29 -13.97 4.47 7.31
N SER A 30 -14.86 5.27 6.77
N SER A 30 -14.95 5.17 6.74
CA SER A 30 -15.07 5.40 5.35
CA SER A 30 -15.07 5.05 5.29
C SER A 30 -14.00 6.22 4.65
C SER A 30 -14.19 6.10 4.60
N PRO A 31 -13.52 5.78 3.49
CA PRO A 31 -13.55 4.44 2.92
C PRO A 31 -12.50 3.59 3.62
N CYS A 32 -12.85 2.34 3.80
CA CYS A 32 -11.90 1.40 4.35
CA CYS A 32 -11.88 1.41 4.36
C CYS A 32 -10.84 1.09 3.28
N ILE A 33 -9.65 0.65 3.75
CA ILE A 33 -8.56 0.33 2.86
C ILE A 33 -8.70 -1.14 2.42
N THR A 34 -8.74 -1.35 1.10
CA THR A 34 -9.15 -2.58 0.46
C THR A 34 -8.02 -3.60 0.37
N PHE A 35 -7.32 -3.80 1.49
CA PHE A 35 -6.18 -4.73 1.53
C PHE A 35 -6.58 -6.15 1.11
N ARG A 36 -7.81 -6.55 1.43
CA ARG A 36 -8.28 -7.89 1.09
C ARG A 36 -8.55 -8.08 -0.40
N TYR A 37 -8.46 -7.05 -1.20
CA TYR A 37 -8.66 -7.11 -2.64
C TYR A 37 -7.39 -6.72 -3.34
N PRO A 38 -6.47 -7.68 -3.53
CA PRO A 38 -5.17 -7.35 -4.11
C PRO A 38 -5.13 -7.24 -5.61
N VAL A 39 -6.23 -7.43 -6.31
CA VAL A 39 -6.23 -7.39 -7.77
C VAL A 39 -5.70 -6.05 -8.28
N ASP A 40 -6.12 -4.95 -7.69
N ASP A 40 -6.18 -4.93 -7.77
CA ASP A 40 -5.72 -3.65 -8.18
CA ASP A 40 -6.04 -3.60 -8.30
C ASP A 40 -5.94 -2.66 -7.05
C ASP A 40 -6.20 -2.60 -7.16
N GLY A 41 -5.62 -1.40 -7.36
CA GLY A 41 -5.81 -0.32 -6.41
C GLY A 41 -4.67 -0.14 -5.41
N CYS A 42 -3.51 -0.77 -5.67
CA CYS A 42 -2.36 -0.64 -4.74
C CYS A 42 -1.97 0.80 -4.53
N TYR A 43 -2.02 1.61 -5.58
CA TYR A 43 -1.66 3.02 -5.52
C TYR A 43 -2.53 3.73 -4.52
N ALA A 44 -3.84 3.45 -4.54
CA ALA A 44 -4.79 4.09 -3.62
C ALA A 44 -4.56 3.59 -2.21
N ARG A 45 -4.34 2.28 -2.03
CA ARG A 45 -4.07 1.79 -0.68
C ARG A 45 -2.85 2.48 -0.08
N ALA A 46 -1.80 2.62 -0.89
CA ALA A 46 -0.56 3.22 -0.39
C ALA A 46 -0.76 4.66 -0.03
N HIS A 47 -1.50 5.42 -0.86
CA HIS A 47 -1.69 6.83 -0.57
C HIS A 47 -2.58 7.04 0.66
N LYS A 48 -3.52 6.13 0.88
CA LYS A 48 -4.35 6.18 2.08
C LYS A 48 -3.56 5.84 3.33
N MET A 49 -2.65 4.86 3.23
CA MET A 49 -1.74 4.60 4.36
C MET A 49 -0.91 5.81 4.68
N ARG A 50 -0.43 6.50 3.66
CA ARG A 50 0.35 7.73 3.85
C ARG A 50 -0.49 8.80 4.53
N GLN A 51 -1.78 8.91 4.19
CA GLN A 51 -2.64 9.88 4.85
C GLN A 51 -2.70 9.59 6.35
N ILE A 52 -2.76 8.33 6.75
CA ILE A 52 -2.78 7.99 8.16
C ILE A 52 -1.46 8.43 8.83
N LEU A 53 -0.33 8.19 8.19
CA LEU A 53 0.92 8.69 8.74
C LEU A 53 0.89 10.21 8.87
N MET A 54 0.40 10.92 7.85
CA MET A 54 0.36 12.35 7.90
C MET A 54 -0.57 12.87 8.99
N ASN A 55 -1.67 12.20 9.21
CA ASN A 55 -2.57 12.56 10.30
C ASN A 55 -1.78 12.62 11.60
N ASN A 56 -0.81 11.75 11.74
CA ASN A 56 0.04 11.60 12.90
CA ASN A 56 0.00 11.68 12.96
C ASN A 56 1.28 12.49 12.89
N GLY A 57 1.46 13.31 11.86
N GLY A 57 1.48 13.25 11.82
CA GLY A 57 2.61 14.20 11.73
CA GLY A 57 2.62 14.15 11.71
C GLY A 57 3.82 13.56 11.06
C GLY A 57 3.82 13.63 10.95
N TYR A 58 3.66 12.48 10.31
CA TYR A 58 4.76 11.82 9.62
C TYR A 58 4.52 11.74 8.14
N ASP A 59 5.61 11.71 7.38
CA ASP A 59 5.58 11.33 5.99
C ASP A 59 6.41 10.04 5.82
N CYS A 60 6.42 9.53 4.62
CA CYS A 60 7.11 8.33 4.25
C CYS A 60 7.53 8.43 2.80
N GLU A 61 8.26 7.39 2.37
CA GLU A 61 8.51 7.18 0.95
C GLU A 61 7.50 6.22 0.39
N LYS A 62 7.45 6.08 -0.91
CA LYS A 62 6.86 4.94 -1.61
C LYS A 62 8.00 4.07 -2.11
N GLN A 63 7.79 2.77 -2.16
CA GLN A 63 8.62 1.93 -3.02
C GLN A 63 7.71 1.33 -4.09
N PHE A 64 8.13 1.49 -5.34
CA PHE A 64 7.50 0.89 -6.50
C PHE A 64 8.35 -0.27 -6.95
N VAL A 65 7.73 -1.41 -7.26
CA VAL A 65 8.45 -2.54 -7.83
C VAL A 65 7.75 -2.92 -9.12
N TYR A 66 8.51 -3.30 -10.11
CA TYR A 66 8.04 -3.54 -11.45
C TYR A 66 8.52 -4.90 -11.96
N GLY A 67 7.70 -5.57 -12.77
CA GLY A 67 8.16 -6.81 -13.34
C GLY A 67 7.06 -7.71 -13.75
N ASN A 68 7.39 -8.99 -13.85
CA ASN A 68 6.42 -10.06 -14.01
C ASN A 68 6.05 -10.49 -12.58
N LEU A 69 5.18 -9.73 -11.93
CA LEU A 69 4.93 -9.90 -10.50
C LEU A 69 3.76 -10.84 -10.28
N LYS A 70 3.86 -11.59 -9.17
CA LYS A 70 2.88 -12.57 -8.76
C LYS A 70 2.80 -12.55 -7.24
N ALA A 71 1.57 -12.58 -6.69
CA ALA A 71 1.40 -12.58 -5.25
C ALA A 71 0.24 -13.48 -4.89
N SER A 72 0.31 -14.05 -3.71
CA SER A 72 -0.76 -14.90 -3.17
C SER A 72 -1.35 -14.35 -1.87
N THR A 73 -2.65 -14.57 -1.72
CA THR A 73 -3.27 -14.23 -0.46
C THR A 73 -3.26 -15.40 0.52
N GLY A 74 -2.84 -16.59 0.07
CA GLY A 74 -3.09 -17.77 0.86
C GLY A 74 -4.25 -18.61 0.34
N THR A 75 -5.11 -18.08 -0.50
N THR A 75 -5.09 -17.88 -0.41
CA THR A 75 -6.05 -18.98 -1.22
CA THR A 75 -6.34 -18.37 -0.99
C THR A 75 -6.11 -18.65 -2.71
C THR A 75 -6.31 -18.40 -2.52
N CYS A 76 -5.62 -17.48 -3.19
CA CYS A 76 -5.61 -17.22 -4.62
C CYS A 76 -4.47 -16.34 -4.99
N CYS A 77 -4.17 -16.30 -6.28
CA CYS A 77 -3.08 -15.59 -6.89
C CYS A 77 -3.56 -14.41 -7.68
N VAL A 78 -2.71 -13.36 -7.67
CA VAL A 78 -2.87 -12.24 -8.58
C VAL A 78 -1.56 -12.03 -9.33
N ALA A 79 -1.68 -11.44 -10.50
CA ALA A 79 -0.54 -11.07 -11.34
C ALA A 79 -0.59 -9.56 -11.50
N TRP A 80 0.60 -8.97 -11.44
CA TRP A 80 0.77 -7.52 -11.54
C TRP A 80 1.92 -7.16 -12.44
N SER A 81 1.87 -5.96 -13.03
CA SER A 81 3.02 -5.38 -13.70
C SER A 81 3.79 -4.49 -12.76
N TYR A 82 3.19 -3.98 -11.69
CA TYR A 82 3.89 -3.20 -10.70
C TYR A 82 3.11 -3.36 -9.37
N HIS A 83 3.80 -3.00 -8.29
CA HIS A 83 3.16 -2.88 -7.01
C HIS A 83 3.82 -1.71 -6.26
N VAL A 84 3.14 -1.19 -5.27
CA VAL A 84 3.60 -0.08 -4.48
C VAL A 84 3.12 -0.26 -3.04
N ALA A 85 3.93 0.20 -2.10
CA ALA A 85 3.56 0.31 -0.71
C ALA A 85 4.37 1.45 -0.09
N ILE A 86 4.08 1.74 1.19
CA ILE A 86 4.81 2.79 1.89
C ILE A 86 6.06 2.23 2.53
N LEU A 87 7.13 3.01 2.45
CA LEU A 87 8.45 2.69 2.96
C LEU A 87 8.74 3.71 4.07
N VAL A 88 8.64 3.27 5.32
CA VAL A 88 8.68 4.12 6.50
CA VAL A 88 8.72 4.16 6.45
C VAL A 88 10.07 4.07 7.13
N SER A 89 10.61 5.25 7.47
CA SER A 89 11.84 5.35 8.18
C SER A 89 11.57 5.61 9.64
N TYR A 90 12.34 4.97 10.53
CA TYR A 90 12.16 5.11 11.95
CA TYR A 90 12.16 5.12 11.95
C TYR A 90 13.51 4.92 12.63
N LYS A 91 13.59 5.48 13.85
CA LYS A 91 14.76 5.29 14.71
CA LYS A 91 14.77 5.27 14.67
C LYS A 91 14.65 4.01 15.52
N ASN A 92 15.67 3.19 15.44
CA ASN A 92 15.68 1.95 16.24
C ASN A 92 16.05 2.22 17.70
N ALA A 93 16.18 1.18 18.54
CA ALA A 93 16.43 1.35 19.94
C ALA A 93 17.70 2.12 20.30
N SER A 94 18.68 2.19 19.40
CA SER A 94 19.93 2.90 19.67
C SER A 94 20.04 4.14 18.79
N GLY A 95 18.92 4.59 18.21
CA GLY A 95 18.84 5.85 17.52
C GLY A 95 19.28 5.85 16.08
N VAL A 96 19.41 4.65 15.52
CA VAL A 96 19.87 4.51 14.16
C VAL A 96 18.63 4.30 13.26
N THR A 97 18.62 5.00 12.13
CA THR A 97 17.47 4.92 11.22
C THR A 97 17.48 3.65 10.42
N GLU A 98 16.34 3.03 10.36
CA GLU A 98 16.02 1.86 9.57
CA GLU A 98 15.94 1.82 9.67
C GLU A 98 14.74 2.12 8.79
N LYS A 99 14.48 1.27 7.81
CA LYS A 99 13.28 1.42 6.98
C LYS A 99 12.54 0.09 6.96
N ARG A 100 11.22 0.19 6.88
CA ARG A 100 10.35 -0.97 6.67
C ARG A 100 9.23 -0.63 5.73
N ILE A 101 8.79 -1.60 4.95
CA ILE A 101 7.54 -1.51 4.25
C ILE A 101 6.38 -1.82 5.17
N ILE A 102 5.29 -1.04 5.00
CA ILE A 102 3.99 -1.42 5.57
C ILE A 102 3.11 -1.75 4.40
N ASP A 103 2.63 -2.99 4.34
CA ASP A 103 1.74 -3.41 3.29
C ASP A 103 0.88 -4.59 3.79
N PRO A 104 -0.22 -4.29 4.45
CA PRO A 104 -1.13 -5.36 4.92
C PRO A 104 -1.79 -6.16 3.85
N SER A 105 -1.72 -5.79 2.59
CA SER A 105 -2.21 -6.68 1.52
CA SER A 105 -2.16 -6.65 1.49
C SER A 105 -1.35 -7.93 1.34
N LEU A 106 -0.09 -7.86 1.77
CA LEU A 106 0.86 -8.96 1.69
C LEU A 106 1.34 -9.43 3.05
N PHE A 107 1.44 -8.56 4.02
CA PHE A 107 2.00 -8.82 5.33
C PHE A 107 1.08 -8.21 6.37
N SER A 108 0.15 -9.00 6.84
CA SER A 108 -0.88 -8.52 7.75
CA SER A 108 -0.89 -8.54 7.76
C SER A 108 -0.46 -8.31 9.20
N SER A 109 0.72 -8.81 9.57
CA SER A 109 1.11 -8.84 10.96
C SER A 109 2.03 -7.71 11.39
N GLY A 110 2.75 -7.08 10.47
CA GLY A 110 3.64 -6.01 10.89
C GLY A 110 4.43 -5.52 9.71
N PRO A 111 5.24 -4.49 9.99
CA PRO A 111 6.19 -3.98 8.99
C PRO A 111 7.21 -5.06 8.64
N VAL A 112 7.74 -5.00 7.43
CA VAL A 112 8.72 -5.94 6.92
C VAL A 112 9.82 -5.22 6.15
N THR A 113 10.95 -5.91 5.92
CA THR A 113 11.98 -5.27 5.09
C THR A 113 11.50 -5.14 3.67
N ASP A 114 12.09 -4.20 2.96
CA ASP A 114 11.75 -4.06 1.55
C ASP A 114 12.19 -5.30 0.74
N THR A 115 13.27 -5.98 1.15
CA THR A 115 13.72 -7.23 0.57
CA THR A 115 13.65 -7.19 0.41
C THR A 115 12.64 -8.29 0.65
N ALA A 116 12.10 -8.46 1.85
CA ALA A 116 11.04 -9.46 2.02
C ALA A 116 9.80 -9.11 1.23
N TRP A 117 9.48 -7.83 1.20
CA TRP A 117 8.32 -7.35 0.47
C TRP A 117 8.42 -7.62 -1.03
N ARG A 118 9.55 -7.22 -1.61
CA ARG A 118 9.70 -7.46 -3.05
C ARG A 118 9.64 -8.94 -3.37
N ASN A 119 10.23 -9.78 -2.48
CA ASN A 119 10.15 -11.22 -2.73
C ASN A 119 8.71 -11.73 -2.70
N ALA A 120 7.83 -11.17 -1.87
CA ALA A 120 6.42 -11.54 -1.88
C ALA A 120 5.71 -11.12 -3.12
N CYS A 121 6.29 -10.19 -3.89
CA CYS A 121 5.75 -9.78 -5.18
C CYS A 121 6.19 -10.66 -6.34
N VAL A 122 7.03 -11.65 -6.05
CA VAL A 122 7.48 -12.62 -7.05
C VAL A 122 7.30 -14.01 -6.46
N ASN A 123 6.07 -14.32 -6.05
CA ASN A 123 5.73 -15.53 -5.34
C ASN A 123 5.52 -16.65 -6.35
N THR A 124 6.44 -17.59 -6.41
CA THR A 124 6.36 -18.66 -7.41
C THR A 124 5.34 -19.73 -7.10
N SER A 125 4.64 -19.68 -5.97
CA SER A 125 3.42 -20.48 -5.83
C SER A 125 2.32 -20.00 -6.80
N CYS A 126 2.56 -18.87 -7.46
CA CYS A 126 1.65 -18.33 -8.46
CA CYS A 126 1.65 -18.39 -8.47
C CYS A 126 2.30 -18.36 -9.83
N GLY A 127 3.32 -19.17 -10.04
CA GLY A 127 3.98 -19.31 -11.30
C GLY A 127 5.22 -18.47 -11.47
N SER A 128 5.74 -18.43 -12.71
CA SER A 128 6.98 -17.71 -12.93
CA SER A 128 6.98 -17.71 -12.93
C SER A 128 6.83 -16.25 -12.55
N ALA A 129 7.90 -15.66 -12.04
CA ALA A 129 7.83 -14.32 -11.53
C ALA A 129 9.22 -13.72 -11.47
N SER A 130 9.35 -12.42 -11.72
CA SER A 130 10.64 -11.76 -11.64
C SER A 130 10.45 -10.25 -11.47
N VAL A 131 11.40 -9.63 -10.81
CA VAL A 131 11.49 -8.17 -10.66
C VAL A 131 12.38 -7.62 -11.78
N SER A 132 11.86 -6.64 -12.52
CA SER A 132 12.65 -5.97 -13.54
CA SER A 132 12.56 -5.91 -13.56
C SER A 132 13.33 -4.74 -12.97
N SER A 133 12.71 -4.00 -12.05
CA SER A 133 13.34 -2.86 -11.40
C SER A 133 12.52 -2.50 -10.15
N TYR A 134 13.08 -1.64 -9.33
CA TYR A 134 12.33 -1.02 -8.23
CA TYR A 134 12.32 -1.02 -8.24
C TYR A 134 12.88 0.37 -7.99
N ALA A 135 12.10 1.24 -7.39
CA ALA A 135 12.51 2.62 -7.14
C ALA A 135 11.79 3.14 -5.92
N ASN A 136 12.49 3.92 -5.14
CA ASN A 136 11.90 4.66 -4.04
C ASN A 136 11.58 6.06 -4.49
N THR A 137 10.47 6.62 -4.02
CA THR A 137 10.09 7.98 -4.29
C THR A 137 9.68 8.66 -3.00
N ALA A 138 9.58 9.97 -3.05
CA ALA A 138 8.85 10.67 -1.99
C ALA A 138 7.44 10.10 -1.87
N GLY A 139 6.91 10.13 -0.68
CA GLY A 139 5.59 9.64 -0.40
C GLY A 139 4.49 10.27 -1.20
N ASN A 140 4.68 11.54 -1.55
CA ASN A 140 3.61 12.26 -2.25
C ASN A 140 3.40 11.76 -3.67
N VAL A 141 4.31 10.99 -4.23
CA VAL A 141 4.10 10.43 -5.54
C VAL A 141 3.02 9.35 -5.46
N TYR A 142 1.99 9.50 -6.28
CA TYR A 142 0.90 8.54 -6.33
C TYR A 142 1.23 7.36 -7.22
N TYR A 143 1.83 7.62 -8.37
CA TYR A 143 2.27 6.59 -9.29
C TYR A 143 3.57 7.09 -9.99
N ARG A 144 4.51 6.18 -10.10
N ARG A 144 4.48 6.15 -10.17
CA ARG A 144 5.72 6.42 -10.89
CA ARG A 144 5.75 6.33 -10.86
C ARG A 144 5.78 5.38 -11.99
C ARG A 144 5.83 5.32 -12.00
N SER A 145 5.93 5.82 -13.23
CA SER A 145 6.07 4.88 -14.34
C SER A 145 7.48 4.28 -14.37
N PRO A 146 7.69 3.14 -15.05
CA PRO A 146 9.04 2.57 -15.14
C PRO A 146 10.02 3.56 -15.73
N SER A 147 9.55 4.54 -16.49
CA SER A 147 10.35 5.60 -17.10
C SER A 147 10.50 6.82 -16.19
N ASN A 148 10.12 6.80 -14.95
CA ASN A 148 10.33 7.79 -13.93
C ASN A 148 9.47 9.01 -14.10
N SER A 149 8.27 8.84 -14.67
CA SER A 149 7.38 9.97 -14.61
CA SER A 149 7.27 9.88 -14.72
C SER A 149 6.36 9.84 -13.50
N TYR A 150 6.03 10.96 -12.87
CA TYR A 150 5.22 10.96 -11.66
C TYR A 150 3.82 11.45 -11.89
N LEU A 151 2.91 10.84 -11.13
N LEU A 151 2.81 10.90 -11.21
CA LEU A 151 1.53 11.23 -10.92
CA LEU A 151 1.47 11.44 -11.11
C LEU A 151 1.25 11.57 -9.47
C LEU A 151 1.21 11.61 -9.60
N TYR A 152 0.34 12.51 -9.23
CA TYR A 152 0.03 12.91 -7.88
C TYR A 152 -1.47 12.85 -7.60
N ASP A 153 -1.79 12.77 -6.32
CA ASP A 153 -3.18 12.78 -5.85
C ASP A 153 -3.25 13.52 -4.52
N ASN A 154 -2.88 14.83 -4.55
CA ASN A 154 -2.57 15.54 -3.35
C ASN A 154 -3.76 15.67 -2.40
N ASN A 155 -4.98 15.73 -2.94
CA ASN A 155 -6.17 15.87 -2.13
C ASN A 155 -6.89 14.57 -1.87
N LEU A 156 -6.27 13.45 -2.31
CA LEU A 156 -6.83 12.13 -2.03
CA LEU A 156 -6.76 12.10 -2.14
C LEU A 156 -8.11 11.88 -2.78
N ILE A 157 -8.47 12.72 -3.77
CA ILE A 157 -9.75 12.50 -4.46
C ILE A 157 -9.70 11.18 -5.20
N ASN A 158 -8.63 10.89 -5.93
CA ASN A 158 -8.60 9.63 -6.66
C ASN A 158 -8.59 8.44 -5.67
N THR A 159 -7.75 8.58 -4.67
CA THR A 159 -7.57 7.52 -3.66
C THR A 159 -8.89 7.12 -3.08
N ASN A 160 -9.63 8.10 -2.56
CA ASN A 160 -10.88 7.79 -1.84
C ASN A 160 -11.91 7.23 -2.81
N CYS A 161 -11.93 7.75 -4.04
CA CYS A 161 -12.93 7.25 -5.01
CA CYS A 161 -12.89 7.26 -5.04
C CYS A 161 -12.62 5.82 -5.39
N VAL A 162 -11.35 5.46 -5.60
CA VAL A 162 -10.98 4.08 -5.96
C VAL A 162 -11.28 3.16 -4.78
N LEU A 163 -10.88 3.54 -3.58
CA LEU A 163 -11.18 2.70 -2.43
C LEU A 163 -12.69 2.44 -2.31
N THR A 164 -13.51 3.45 -2.52
CA THR A 164 -14.94 3.27 -2.44
C THR A 164 -15.42 2.32 -3.51
N LYS A 165 -14.90 2.46 -4.73
CA LYS A 165 -15.30 1.53 -5.80
CA LYS A 165 -15.29 1.54 -5.81
C LYS A 165 -14.98 0.10 -5.49
N PHE A 166 -13.90 -0.17 -4.78
CA PHE A 166 -13.46 -1.51 -4.46
C PHE A 166 -13.90 -2.01 -3.10
N SER A 167 -14.70 -1.23 -2.36
CA SER A 167 -15.04 -1.48 -0.98
CA SER A 167 -14.93 -1.52 -0.97
C SER A 167 -15.59 -2.86 -0.71
N LEU A 168 -16.42 -3.34 -1.62
N LEU A 168 -16.47 -3.35 -1.58
CA LEU A 168 -17.16 -4.58 -1.45
CA LEU A 168 -17.12 -4.65 -1.32
C LEU A 168 -16.47 -5.79 -2.06
C LEU A 168 -16.34 -5.84 -1.85
N LEU A 169 -15.25 -5.61 -2.53
CA LEU A 169 -14.53 -6.64 -3.27
C LEU A 169 -13.49 -7.29 -2.36
N SER A 170 -13.25 -8.56 -2.61
CA SER A 170 -12.29 -9.35 -1.84
CA SER A 170 -12.20 -9.27 -1.88
C SER A 170 -11.75 -10.47 -2.67
N GLY A 171 -10.51 -10.89 -2.38
CA GLY A 171 -9.90 -11.98 -3.08
C GLY A 171 -9.35 -11.59 -4.44
N CYS A 172 -9.29 -12.56 -5.34
CA CYS A 172 -8.61 -12.41 -6.60
C CYS A 172 -9.56 -12.29 -7.78
N SER A 173 -10.82 -12.09 -7.50
CA SER A 173 -11.89 -11.86 -8.47
CA SER A 173 -11.89 -11.85 -8.46
C SER A 173 -12.75 -10.74 -7.94
N PRO A 174 -13.31 -9.88 -8.77
CA PRO A 174 -13.14 -9.90 -10.23
C PRO A 174 -11.76 -9.44 -10.67
N SER A 175 -11.32 -10.00 -11.81
CA SER A 175 -10.05 -9.64 -12.42
C SER A 175 -10.28 -9.61 -13.93
N PRO A 176 -10.07 -8.50 -14.62
CA PRO A 176 -9.61 -7.24 -14.04
CA PRO A 176 -9.67 -7.19 -14.15
C PRO A 176 -10.64 -6.58 -13.12
N ALA A 177 -10.17 -5.64 -12.33
CA ALA A 177 -11.02 -4.93 -11.41
C ALA A 177 -12.01 -4.09 -12.17
N PRO A 178 -13.07 -3.67 -11.51
CA PRO A 178 -14.03 -2.78 -12.19
C PRO A 178 -13.41 -1.48 -12.60
N ASP A 179 -14.04 -0.85 -13.58
N ASP A 179 -14.04 -0.87 -13.58
CA ASP A 179 -13.59 0.43 -14.14
CA ASP A 179 -13.51 0.38 -14.12
C ASP A 179 -13.47 1.52 -13.07
C ASP A 179 -13.48 1.51 -13.11
N VAL A 180 -12.37 2.25 -13.13
N VAL A 180 -12.35 2.18 -12.99
CA VAL A 180 -12.07 3.34 -12.20
CA VAL A 180 -12.23 3.37 -12.15
C VAL A 180 -11.97 4.65 -12.95
C VAL A 180 -11.88 4.58 -12.97
N SER A 181 -12.22 4.59 -14.26
CA SER A 181 -12.02 5.74 -15.16
CA SER A 181 -11.88 5.78 -15.06
C SER A 181 -12.69 6.99 -14.68
N SER A 182 -13.87 6.85 -14.06
CA SER A 182 -14.64 8.00 -13.61
C SER A 182 -14.10 8.66 -12.36
N CYS A 183 -13.11 8.05 -11.71
CA CYS A 183 -12.46 8.64 -10.56
CA CYS A 183 -12.54 8.71 -10.55
C CYS A 183 -11.52 9.76 -11.00
N GLY A 184 -11.75 10.96 -10.51
CA GLY A 184 -10.92 12.12 -10.86
C GLY A 184 -9.80 12.32 -9.85
N PHE A 185 -9.24 13.54 -9.81
N PHE A 185 -9.28 13.54 -9.94
CA PHE A 185 -8.15 13.98 -9.00
CA PHE A 185 -8.28 14.06 -9.04
C PHE A 185 -8.40 15.29 -8.21
C PHE A 185 -8.75 15.49 -8.61
NA NA B . -2.21 -2.31 -7.72
C1 GOL C . -1.78 4.02 -11.45
O1 GOL C . -1.82 2.65 -11.75
C2 GOL C . -3.11 4.70 -11.72
O2 GOL C . -3.25 4.76 -13.10
C3 GOL C . -2.91 6.11 -11.13
O3 GOL C . -4.05 6.89 -11.39
#